data_9G2A
#
_entry.id   9G2A
#
_cell.length_a   37.970
_cell.length_b   51.650
_cell.length_c   70.340
_cell.angle_alpha   81.260
_cell.angle_beta   81.610
_cell.angle_gamma   71.650
#
_symmetry.space_group_name_H-M   'P 1'
#
loop_
_entity.id
_entity.type
_entity.pdbx_description
1 polymer 'Endoribonuclease MazF'
2 polymer 'Nanobody 4'
3 non-polymer '4-(2-HYDROXYETHYL)-1-PIPERAZINE ETHANESULFONIC ACID'
4 non-polymer '3[N-MORPHOLINO]PROPANE SULFONIC ACID'
5 water water
#
loop_
_entity_poly.entity_id
_entity_poly.type
_entity_poly.pdbx_seq_one_letter_code
_entity_poly.pdbx_strand_id
1 'polypeptide(L)'
;MGSSHHHHHHSQDPIRRGDVYLADLSPVQGSEQGGVRPVVIIQNDTGNKYSPTVIVAAITGRINKAKIPTHVEIEKKKYK
LDKDSVILLEQIRTLDKKRLKEKLTYLSDDKMKEVDNALMISLGLNAVAHQKN
;
A,B
2 'polypeptide(L)'
;AQVQLQESGGGLVQPGGSLRLSCAASGFTFDDYAIGWFRQAPGKEREGVSCISSSDGSTYYADSVKGRFTISSDNAKNTV
YLQMNSLKSEDTAVYYCAADVWGCISYTDYGLGNLDYWGQGTQVTVSSHHHHHH
;
C,D
#
loop_
_chem_comp.id
_chem_comp.type
_chem_comp.name
_chem_comp.formula
EPE non-polymer '4-(2-HYDROXYETHYL)-1-PIPERAZINE ETHANESULFONIC ACID' 'C8 H18 N2 O4 S'
MPO non-polymer '3[N-MORPHOLINO]PROPANE SULFONIC ACID' 'C7 H15 N O4 S'
#
# COMPACT_ATOMS: atom_id res chain seq x y z
N ASP A 13 -1.24 7.04 -22.48
CA ASP A 13 -1.58 5.62 -22.68
C ASP A 13 -0.85 4.67 -21.70
N PRO A 14 0.43 4.90 -21.41
CA PRO A 14 1.07 4.11 -20.36
C PRO A 14 0.76 4.66 -18.98
N ILE A 15 0.57 3.75 -18.04
CA ILE A 15 0.19 4.10 -16.68
C ILE A 15 1.37 4.79 -16.00
N ARG A 16 1.13 6.00 -15.49
CA ARG A 16 2.21 6.81 -14.88
C ARG A 16 1.88 7.15 -13.42
N ARG A 17 2.93 7.31 -12.63
CA ARG A 17 2.73 7.73 -11.27
C ARG A 17 2.01 9.07 -11.29
N GLY A 18 1.06 9.25 -10.39
CA GLY A 18 0.19 10.41 -10.37
C GLY A 18 -1.02 10.34 -11.27
N ASP A 19 -1.06 9.42 -12.24
CA ASP A 19 -2.30 9.23 -12.97
C ASP A 19 -3.43 8.91 -12.02
N VAL A 20 -4.65 9.29 -12.41
CA VAL A 20 -5.87 8.99 -11.66
C VAL A 20 -6.77 8.13 -12.54
N TYR A 21 -7.08 6.93 -12.06
CA TYR A 21 -7.92 5.98 -12.76
C TYR A 21 -9.11 5.59 -11.91
N LEU A 22 -10.17 5.12 -12.58
CA LEU A 22 -11.33 4.54 -11.93
C LEU A 22 -11.12 3.03 -11.82
N ALA A 23 -11.41 2.46 -10.65
CA ALA A 23 -11.12 1.04 -10.46
C ALA A 23 -12.04 0.44 -9.41
N ASP A 24 -12.29 -0.87 -9.55
CA ASP A 24 -13.17 -1.64 -8.67
C ASP A 24 -12.34 -2.24 -7.54
N LEU A 25 -12.43 -1.63 -6.37
CA LEU A 25 -11.75 -2.15 -5.18
C LEU A 25 -12.44 -3.36 -4.55
N SER A 26 -13.74 -3.56 -4.79
CA SER A 26 -14.43 -4.67 -4.14
C SER A 26 -13.95 -6.02 -4.66
N PRO A 27 -14.06 -7.09 -3.84
CA PRO A 27 -14.60 -7.12 -2.48
C PRO A 27 -13.60 -6.72 -1.40
N VAL A 28 -14.11 -6.27 -0.26
CA VAL A 28 -13.32 -5.87 0.89
C VAL A 28 -13.92 -6.48 2.15
N GLN A 29 -13.19 -6.33 3.25
CA GLN A 29 -13.61 -6.79 4.58
C GLN A 29 -13.36 -5.69 5.58
N GLY A 30 -14.32 -5.47 6.49
CA GLY A 30 -14.18 -4.51 7.57
C GLY A 30 -13.98 -3.08 7.08
N SER A 31 -13.10 -2.34 7.76
CA SER A 31 -12.88 -0.92 7.51
C SER A 31 -11.99 -0.66 6.31
N GLU A 32 -11.80 -1.65 5.46
CA GLU A 32 -11.14 -1.45 4.19
C GLU A 32 -12.06 -0.71 3.22
N GLN A 33 -11.45 0.16 2.40
CA GLN A 33 -12.18 0.93 1.39
C GLN A 33 -12.55 0.09 0.18
N GLY A 34 -13.85 -0.09 -0.05
CA GLY A 34 -14.33 -0.79 -1.21
C GLY A 34 -14.93 0.14 -2.25
N GLY A 35 -15.68 -0.45 -3.17
CA GLY A 35 -16.45 0.30 -4.13
C GLY A 35 -15.68 0.60 -5.40
N VAL A 36 -16.42 0.96 -6.44
CA VAL A 36 -15.81 1.54 -7.62
C VAL A 36 -15.60 3.03 -7.34
N ARG A 37 -14.36 3.47 -7.48
CA ARG A 37 -13.99 4.83 -7.09
C ARG A 37 -12.70 5.21 -7.81
N PRO A 38 -12.35 6.49 -7.82
CA PRO A 38 -11.05 6.86 -8.36
C PRO A 38 -9.91 6.45 -7.43
N VAL A 39 -8.77 6.15 -8.04
CA VAL A 39 -7.55 5.83 -7.33
C VAL A 39 -6.39 6.55 -8.01
N VAL A 40 -5.35 6.81 -7.24
CA VAL A 40 -4.17 7.47 -7.78
C VAL A 40 -3.04 6.47 -7.75
N ILE A 41 -2.36 6.36 -8.89
CA ILE A 41 -1.14 5.58 -9.01
C ILE A 41 -0.02 6.20 -8.19
N ILE A 42 0.56 5.39 -7.30
CA ILE A 42 1.68 5.81 -6.47
C ILE A 42 2.90 4.91 -6.62
N GLN A 43 2.80 3.81 -7.37
CA GLN A 43 3.97 3.00 -7.69
C GLN A 43 4.95 3.78 -8.57
N ASN A 44 6.22 3.41 -8.48
CA ASN A 44 7.24 4.08 -9.28
C ASN A 44 7.06 3.74 -10.75
N ASP A 45 7.52 4.66 -11.60
CA ASP A 45 7.22 4.50 -13.02
C ASP A 45 7.98 3.36 -13.67
N THR A 46 9.14 2.98 -13.14
CA THR A 46 9.77 1.78 -13.68
C THR A 46 8.90 0.55 -13.40
N GLY A 47 8.46 0.37 -12.16
CA GLY A 47 7.52 -0.71 -11.85
C GLY A 47 6.24 -0.60 -12.66
N ASN A 48 5.77 0.63 -12.91
CA ASN A 48 4.60 0.81 -13.76
C ASN A 48 4.82 0.29 -15.17
N LYS A 49 6.06 0.29 -15.64
CA LYS A 49 6.29 -0.16 -17.01
C LYS A 49 6.34 -1.68 -17.12
N TYR A 50 6.94 -2.36 -16.16
CA TYR A 50 7.21 -3.79 -16.31
C TYR A 50 6.30 -4.70 -15.49
N SER A 51 5.73 -4.21 -14.43
CA SER A 51 5.02 -5.15 -13.59
C SER A 51 3.59 -5.30 -14.08
N PRO A 52 2.91 -6.40 -13.76
CA PRO A 52 1.50 -6.44 -14.12
C PRO A 52 0.63 -5.73 -13.10
N THR A 53 1.22 -5.21 -12.03
CA THR A 53 0.49 -4.57 -10.96
C THR A 53 0.95 -3.11 -10.77
N VAL A 54 0.05 -2.26 -10.28
CA VAL A 54 0.34 -0.90 -9.87
C VAL A 54 -0.02 -0.82 -8.40
N ILE A 55 0.48 0.22 -7.72
CA ILE A 55 0.11 0.54 -6.34
C ILE A 55 -0.73 1.81 -6.38
N VAL A 56 -1.87 1.78 -5.68
CA VAL A 56 -2.82 2.87 -5.69
C VAL A 56 -3.15 3.29 -4.27
N ALA A 57 -3.76 4.46 -4.19
CA ALA A 57 -4.40 4.93 -2.97
C ALA A 57 -5.85 5.25 -3.34
N ALA A 58 -6.77 4.98 -2.43
CA ALA A 58 -8.16 5.26 -2.74
C ALA A 58 -8.45 6.75 -2.61
N ILE A 59 -9.35 7.25 -3.46
CA ILE A 59 -9.94 8.57 -3.33
C ILE A 59 -11.41 8.39 -2.91
N THR A 60 -11.84 9.06 -1.85
CA THR A 60 -13.21 9.00 -1.35
C THR A 60 -13.91 10.35 -1.39
N GLY A 61 -15.23 10.29 -1.55
CA GLY A 61 -16.03 11.49 -1.52
C GLY A 61 -16.81 11.69 -0.24
N ARG A 62 -16.82 10.68 0.66
CA ARG A 62 -17.55 10.79 1.92
C ARG A 62 -17.02 11.89 2.82
N ILE A 63 -15.80 12.37 2.57
CA ILE A 63 -15.21 13.46 3.33
C ILE A 63 -14.58 14.38 2.30
N ASN A 64 -14.48 15.65 2.64
CA ASN A 64 -13.85 16.61 1.77
C ASN A 64 -12.79 17.41 2.47
N LYS A 65 -12.55 17.14 3.75
CA LYS A 65 -11.50 17.77 4.54
C LYS A 65 -10.60 16.70 5.12
N ALA A 66 -9.31 16.97 5.18
CA ALA A 66 -8.36 15.98 5.69
C ALA A 66 -8.60 15.73 7.18
N LYS A 67 -8.88 14.47 7.56
CA LYS A 67 -9.02 14.22 9.00
C LYS A 67 -7.68 13.96 9.68
N ILE A 68 -6.73 13.32 8.98
CA ILE A 68 -5.47 12.90 9.57
C ILE A 68 -4.34 13.29 8.64
N PRO A 69 -3.07 13.24 9.06
CA PRO A 69 -1.97 13.61 8.17
C PRO A 69 -1.80 12.76 6.93
N THR A 70 -2.47 11.60 6.83
CA THR A 70 -2.33 10.79 5.62
C THR A 70 -3.45 11.04 4.64
N HIS A 71 -4.23 12.08 4.87
CA HIS A 71 -5.26 12.52 3.96
C HIS A 71 -4.75 13.74 3.17
N VAL A 72 -5.04 13.77 1.87
CA VAL A 72 -4.69 14.87 0.97
C VAL A 72 -5.94 15.25 0.18
N GLU A 73 -6.33 16.52 0.27
CA GLU A 73 -7.55 17.01 -0.36
C GLU A 73 -7.32 17.24 -1.86
N ILE A 74 -8.43 17.23 -2.62
CA ILE A 74 -8.37 17.43 -4.07
C ILE A 74 -9.70 18.00 -4.57
N GLU A 75 -9.62 19.06 -5.37
CA GLU A 75 -10.80 19.77 -5.86
C GLU A 75 -11.60 18.90 -6.82
N LYS A 76 -12.92 19.03 -6.80
CA LYS A 76 -13.74 18.37 -7.81
C LYS A 76 -13.56 19.02 -9.19
N LYS A 77 -13.46 20.34 -9.22
CA LYS A 77 -13.32 21.12 -10.45
C LYS A 77 -12.15 20.68 -11.33
N LYS A 78 -10.91 20.99 -10.88
CA LYS A 78 -9.70 20.72 -11.64
C LYS A 78 -9.52 19.25 -11.98
N TYR A 79 -10.18 18.31 -11.28
CA TYR A 79 -9.87 16.90 -11.46
C TYR A 79 -11.06 16.06 -11.89
N LYS A 80 -12.11 16.70 -12.41
CA LYS A 80 -13.22 16.03 -13.08
C LYS A 80 -13.87 14.97 -12.19
N LEU A 81 -14.09 15.35 -10.94
CA LEU A 81 -14.64 14.49 -9.90
C LEU A 81 -16.08 14.87 -9.60
N ASP A 82 -16.83 13.90 -9.07
CA ASP A 82 -18.19 14.18 -8.64
C ASP A 82 -18.19 15.26 -7.56
N LYS A 83 -17.47 15.03 -6.47
CA LYS A 83 -17.43 15.95 -5.34
C LYS A 83 -16.00 16.24 -4.93
N ASP A 84 -15.81 17.31 -4.16
CA ASP A 84 -14.52 17.50 -3.52
C ASP A 84 -14.19 16.26 -2.70
N SER A 85 -12.97 15.74 -2.83
CA SER A 85 -12.64 14.44 -2.28
C SER A 85 -11.32 14.51 -1.52
N VAL A 86 -10.97 13.41 -0.86
CA VAL A 86 -9.66 13.33 -0.24
C VAL A 86 -9.00 12.01 -0.60
N ILE A 87 -7.71 12.08 -0.91
CA ILE A 87 -6.86 10.93 -1.19
C ILE A 87 -6.46 10.30 0.13
N LEU A 88 -6.77 9.01 0.29
CA LEU A 88 -6.55 8.23 1.51
C LEU A 88 -5.24 7.45 1.39
N LEU A 89 -4.16 8.09 1.83
CA LEU A 89 -2.86 7.43 1.81
C LEU A 89 -2.70 6.43 2.94
N GLU A 90 -3.72 6.27 3.78
CA GLU A 90 -3.77 5.16 4.71
C GLU A 90 -4.62 3.99 4.16
N GLN A 91 -5.16 4.14 2.94
CA GLN A 91 -5.88 3.12 2.17
C GLN A 91 -5.15 2.99 0.85
N ILE A 92 -4.06 2.23 0.85
CA ILE A 92 -3.24 2.02 -0.32
C ILE A 92 -3.20 0.54 -0.61
N ARG A 93 -3.18 0.17 -1.89
CA ARG A 93 -3.10 -1.25 -2.20
C ARG A 93 -2.57 -1.50 -3.60
N THR A 94 -2.03 -2.70 -3.77
CA THR A 94 -1.55 -3.15 -5.05
C THR A 94 -2.69 -3.74 -5.87
N LEU A 95 -2.90 -3.20 -7.07
CA LEU A 95 -3.93 -3.70 -7.97
C LEU A 95 -3.31 -4.28 -9.24
N ASP A 96 -3.89 -5.37 -9.72
CA ASP A 96 -3.63 -5.81 -11.07
C ASP A 96 -4.11 -4.74 -12.03
N LYS A 97 -3.37 -4.58 -13.12
CA LYS A 97 -3.71 -3.54 -14.10
C LYS A 97 -5.07 -3.74 -14.71
N LYS A 98 -5.54 -5.00 -14.82
CA LYS A 98 -6.84 -5.22 -15.43
C LYS A 98 -7.90 -4.52 -14.62
N ARG A 99 -7.62 -4.17 -13.36
CA ARG A 99 -8.66 -3.53 -12.55
C ARG A 99 -8.92 -2.12 -12.99
N LEU A 100 -7.92 -1.45 -13.62
CA LEU A 100 -8.03 -0.04 -13.98
C LEU A 100 -8.93 0.15 -15.21
N LYS A 101 -9.94 0.98 -15.04
CA LYS A 101 -10.92 1.25 -16.11
C LYS A 101 -10.61 2.62 -16.70
N GLU A 102 -11.58 3.54 -16.81
CA GLU A 102 -11.33 4.83 -17.44
C GLU A 102 -10.22 5.59 -16.72
N LYS A 103 -9.39 6.31 -17.48
CA LYS A 103 -8.46 7.29 -16.94
C LYS A 103 -9.16 8.64 -16.79
N LEU A 104 -9.31 9.10 -15.54
CA LEU A 104 -10.01 10.34 -15.27
C LEU A 104 -9.12 11.57 -15.45
N THR A 105 -7.90 11.53 -14.91
CA THR A 105 -7.01 12.69 -14.92
C THR A 105 -5.61 12.36 -14.42
N TYR A 106 -4.82 13.37 -14.03
CA TYR A 106 -3.54 13.16 -13.37
C TYR A 106 -3.24 14.37 -12.48
N LEU A 107 -2.56 14.11 -11.35
CA LEU A 107 -2.34 15.15 -10.35
C LEU A 107 -1.24 16.11 -10.75
N SER A 108 -1.44 17.38 -10.41
CA SER A 108 -0.35 18.32 -10.66
C SER A 108 0.85 17.96 -9.78
N ASP A 109 2.02 18.42 -10.24
CA ASP A 109 3.25 18.18 -9.51
C ASP A 109 3.16 18.67 -8.07
N ASP A 110 2.33 19.68 -7.81
CA ASP A 110 2.16 20.19 -6.46
C ASP A 110 1.33 19.27 -5.60
N LYS A 111 0.23 18.77 -6.16
CA LYS A 111 -0.59 17.80 -5.46
C LYS A 111 0.19 16.51 -5.19
N MET A 112 1.06 16.09 -6.11
CA MET A 112 1.79 14.85 -5.87
C MET A 112 2.80 15.01 -4.75
N LYS A 113 3.30 16.23 -4.56
CA LYS A 113 4.18 16.50 -3.45
C LYS A 113 3.45 16.29 -2.14
N GLU A 114 2.22 16.80 -2.04
CA GLU A 114 1.38 16.50 -0.88
C GLU A 114 1.27 15.00 -0.68
N VAL A 115 0.98 14.27 -1.77
CA VAL A 115 0.80 12.81 -1.70
C VAL A 115 2.05 12.15 -1.16
N ASP A 116 3.20 12.42 -1.79
CA ASP A 116 4.47 11.85 -1.35
C ASP A 116 4.76 12.13 0.11
N ASN A 117 4.40 13.30 0.61
CA ASN A 117 4.63 13.60 2.00
C ASN A 117 3.70 12.80 2.87
N ALA A 118 2.43 12.77 2.50
CA ALA A 118 1.48 12.01 3.28
C ALA A 118 1.87 10.53 3.28
N LEU A 119 2.50 10.09 2.21
CA LEU A 119 2.92 8.70 2.09
C LEU A 119 4.03 8.37 3.07
N MET A 120 5.04 9.26 3.16
CA MET A 120 6.12 9.11 4.12
C MET A 120 5.59 9.04 5.55
N ILE A 121 4.73 10.00 5.92
CA ILE A 121 4.05 9.92 7.20
C ILE A 121 3.34 8.58 7.32
N SER A 122 2.51 8.25 6.32
CA SER A 122 1.71 7.05 6.41
C SER A 122 2.55 5.84 6.74
N LEU A 123 3.60 5.58 5.95
CA LEU A 123 4.39 4.37 6.16
C LEU A 123 5.58 4.60 7.10
N GLY A 124 5.48 5.58 8.00
CA GLY A 124 6.55 5.80 8.97
C GLY A 124 7.94 5.86 8.37
N LEU A 125 8.07 6.58 7.25
CA LEU A 125 9.36 6.83 6.62
C LEU A 125 9.88 8.20 7.00
N ASN A 126 9.22 8.86 7.97
CA ASN A 126 9.55 10.19 8.52
C ASN A 126 9.61 11.34 7.51
N PRO B 14 0.36 -5.16 21.26
CA PRO B 14 -0.14 -4.07 20.40
C PRO B 14 0.46 -4.17 19.00
N ILE B 15 -0.33 -3.84 17.99
CA ILE B 15 0.14 -3.96 16.61
C ILE B 15 1.21 -2.90 16.36
N ARG B 16 2.40 -3.33 15.97
CA ARG B 16 3.52 -2.42 15.80
C ARG B 16 4.10 -2.56 14.40
N ARG B 17 4.71 -1.48 13.93
CA ARG B 17 5.40 -1.54 12.65
C ARG B 17 6.52 -2.58 12.73
N GLY B 18 6.70 -3.33 11.65
CA GLY B 18 7.67 -4.40 11.66
C GLY B 18 7.18 -5.70 12.24
N ASP B 19 6.07 -5.71 12.96
CA ASP B 19 5.52 -7.00 13.36
C ASP B 19 5.20 -7.80 12.11
N VAL B 20 5.25 -9.13 12.26
CA VAL B 20 4.88 -10.05 11.21
C VAL B 20 3.68 -10.84 11.71
N TYR B 21 2.59 -10.75 10.97
CA TYR B 21 1.37 -11.45 11.30
C TYR B 21 1.01 -12.38 10.15
N LEU B 22 0.23 -13.39 10.47
CA LEU B 22 -0.34 -14.27 9.48
C LEU B 22 -1.69 -13.71 9.10
N ALA B 23 -1.99 -13.68 7.81
CA ALA B 23 -3.20 -13.01 7.40
C ALA B 23 -3.71 -13.60 6.10
N ASP B 24 -5.02 -13.54 5.91
CA ASP B 24 -5.66 -14.02 4.70
CA ASP B 24 -5.63 -14.03 4.69
C ASP B 24 -5.73 -12.87 3.70
N LEU B 25 -4.88 -12.90 2.69
CA LEU B 25 -4.91 -11.86 1.68
C LEU B 25 -6.08 -12.03 0.71
N SER B 26 -6.56 -13.27 0.55
CA SER B 26 -7.60 -13.58 -0.41
C SER B 26 -8.92 -12.95 0.03
N PRO B 27 -9.84 -12.69 -0.91
CA PRO B 27 -9.68 -12.92 -2.36
C PRO B 27 -8.86 -11.79 -3.04
N VAL B 28 -8.21 -12.12 -4.16
CA VAL B 28 -7.42 -11.19 -4.94
C VAL B 28 -7.76 -11.36 -6.41
N GLN B 29 -7.20 -10.49 -7.27
CA GLN B 29 -7.42 -10.60 -8.71
C GLN B 29 -6.10 -10.57 -9.46
N GLY B 30 -5.98 -11.37 -10.50
CA GLY B 30 -4.78 -11.29 -11.33
C GLY B 30 -3.51 -11.54 -10.57
N SER B 31 -2.48 -10.75 -10.88
CA SER B 31 -1.15 -10.96 -10.31
C SER B 31 -1.03 -10.40 -8.91
N GLU B 32 -2.15 -10.10 -8.27
CA GLU B 32 -2.09 -9.67 -6.88
C GLU B 32 -1.75 -10.87 -6.01
N GLN B 33 -0.92 -10.64 -5.01
CA GLN B 33 -0.52 -11.72 -4.13
C GLN B 33 -1.70 -12.12 -3.25
N GLY B 34 -2.20 -13.34 -3.43
CA GLY B 34 -3.27 -13.86 -2.61
C GLY B 34 -2.76 -14.84 -1.58
N GLY B 35 -3.71 -15.57 -0.98
CA GLY B 35 -3.38 -16.66 -0.09
C GLY B 35 -3.25 -16.23 1.36
N VAL B 36 -3.31 -17.23 2.25
CA VAL B 36 -2.94 -17.05 3.65
C VAL B 36 -1.42 -17.06 3.75
N ARG B 37 -0.84 -16.04 4.36
CA ARG B 37 0.61 -15.94 4.39
C ARG B 37 0.99 -14.94 5.46
N PRO B 38 2.26 -14.91 5.85
CA PRO B 38 2.71 -13.85 6.74
C PRO B 38 2.76 -12.53 6.01
N VAL B 39 2.50 -11.47 6.75
CA VAL B 39 2.58 -10.11 6.25
C VAL B 39 3.29 -9.28 7.32
N VAL B 40 3.93 -8.20 6.91
CA VAL B 40 4.62 -7.31 7.83
C VAL B 40 3.96 -5.93 7.81
N ILE B 41 3.59 -5.45 8.99
CA ILE B 41 3.00 -4.14 9.15
C ILE B 41 4.02 -3.09 8.77
N ILE B 42 3.62 -2.14 7.91
CA ILE B 42 4.49 -1.03 7.51
C ILE B 42 3.87 0.33 7.78
N GLN B 43 2.61 0.39 8.17
CA GLN B 43 2.01 1.63 8.63
C GLN B 43 2.71 2.13 9.87
N ASN B 44 2.69 3.46 10.05
CA ASN B 44 3.29 4.09 11.23
C ASN B 44 2.51 3.68 12.48
N ASP B 45 3.21 3.73 13.62
CA ASP B 45 2.67 3.16 14.86
C ASP B 45 1.56 4.02 15.45
N THR B 46 1.54 5.31 15.12
CA THR B 46 0.40 6.13 15.52
C THR B 46 -0.86 5.67 14.80
N GLY B 47 -0.79 5.50 13.47
CA GLY B 47 -1.91 4.91 12.75
C GLY B 47 -2.26 3.52 13.24
N ASN B 48 -1.24 2.72 13.59
CA ASN B 48 -1.49 1.39 14.14
C ASN B 48 -2.24 1.45 15.46
N LYS B 49 -2.08 2.53 16.22
CA LYS B 49 -2.76 2.61 17.51
C LYS B 49 -4.23 3.01 17.35
N TYR B 50 -4.56 3.93 16.44
CA TYR B 50 -5.89 4.49 16.37
C TYR B 50 -6.76 4.02 15.21
N SER B 51 -6.17 3.54 14.12
CA SER B 51 -7.04 3.20 12.99
C SER B 51 -7.52 1.76 13.15
N PRO B 52 -8.64 1.40 12.52
CA PRO B 52 -9.05 -0.03 12.52
C PRO B 52 -8.38 -0.82 11.41
N THR B 53 -7.46 -0.21 10.66
CA THR B 53 -6.78 -0.87 9.55
C THR B 53 -5.27 -0.82 9.73
N VAL B 54 -4.58 -1.76 9.08
CA VAL B 54 -3.13 -1.73 9.01
C VAL B 54 -2.71 -1.68 7.54
N ILE B 55 -1.49 -1.23 7.29
CA ILE B 55 -0.88 -1.34 5.97
C ILE B 55 0.21 -2.38 6.10
N VAL B 56 0.18 -3.39 5.21
CA VAL B 56 1.10 -4.50 5.28
C VAL B 56 1.72 -4.75 3.92
N ALA B 57 2.81 -5.49 3.94
CA ALA B 57 3.42 -6.00 2.72
C ALA B 57 3.41 -7.51 2.76
N ALA B 58 3.13 -8.14 1.63
CA ALA B 58 3.07 -9.60 1.63
C ALA B 58 4.47 -10.19 1.68
N ILE B 59 4.58 -11.32 2.38
CA ILE B 59 5.76 -12.16 2.38
C ILE B 59 5.42 -13.41 1.59
N THR B 60 6.29 -13.78 0.65
CA THR B 60 6.09 -15.02 -0.10
C THR B 60 7.27 -15.96 0.12
N GLY B 61 6.98 -17.25 0.03
CA GLY B 61 8.02 -18.24 0.14
C GLY B 61 8.39 -18.88 -1.19
N ARG B 62 7.61 -18.59 -2.25
CA ARG B 62 7.85 -19.20 -3.55
C ARG B 62 9.22 -18.83 -4.13
N ILE B 63 9.86 -17.80 -3.59
CA ILE B 63 11.19 -17.38 -3.99
C ILE B 63 11.96 -17.01 -2.73
N ASN B 64 13.30 -17.15 -2.80
CA ASN B 64 14.17 -16.82 -1.68
C ASN B 64 15.28 -15.84 -2.04
N LYS B 65 15.31 -15.35 -3.28
CA LYS B 65 16.27 -14.33 -3.70
C LYS B 65 15.52 -13.13 -4.25
N ALA B 66 16.06 -11.93 -4.00
CA ALA B 66 15.42 -10.71 -4.47
C ALA B 66 15.47 -10.66 -6.00
N LYS B 67 14.30 -10.60 -6.64
CA LYS B 67 14.22 -10.45 -8.10
C LYS B 67 14.29 -9.01 -8.55
N ILE B 68 13.73 -8.09 -7.78
CA ILE B 68 13.73 -6.67 -8.14
C ILE B 68 14.08 -5.86 -6.90
N PRO B 69 14.46 -4.59 -7.08
CA PRO B 69 14.86 -3.77 -5.91
C PRO B 69 13.79 -3.62 -4.85
N THR B 70 12.54 -4.05 -5.09
CA THR B 70 11.52 -3.97 -4.06
C THR B 70 11.35 -5.29 -3.34
N HIS B 71 12.29 -6.21 -3.51
CA HIS B 71 12.29 -7.48 -2.79
C HIS B 71 13.29 -7.43 -1.65
N VAL B 72 12.88 -8.01 -0.51
CA VAL B 72 13.72 -8.12 0.68
C VAL B 72 13.57 -9.54 1.22
N GLU B 73 14.68 -10.28 1.25
CA GLU B 73 14.67 -11.65 1.73
CA GLU B 73 14.65 -11.65 1.74
C GLU B 73 14.76 -11.70 3.26
N ILE B 74 14.12 -12.70 3.84
CA ILE B 74 14.11 -12.89 5.30
C ILE B 74 14.53 -14.32 5.62
N GLU B 75 15.51 -14.46 6.51
CA GLU B 75 16.07 -15.76 6.86
C GLU B 75 15.09 -16.63 7.64
N LYS B 77 14.54 -19.67 9.80
CA LYS B 77 14.40 -20.19 11.16
C LYS B 77 14.31 -19.03 12.17
N LYS B 78 15.15 -18.01 11.94
CA LYS B 78 15.18 -16.85 12.83
C LYS B 78 13.80 -16.24 13.01
N TYR B 79 13.04 -16.14 11.92
CA TYR B 79 11.76 -15.45 11.89
C TYR B 79 10.57 -16.42 11.82
N LYS B 80 10.79 -17.67 12.20
CA LYS B 80 9.71 -18.66 12.36
C LYS B 80 8.90 -18.85 11.09
N LEU B 81 9.59 -18.95 9.96
CA LEU B 81 8.94 -19.14 8.67
C LEU B 81 9.21 -20.56 8.19
N ASP B 82 8.30 -21.08 7.36
CA ASP B 82 8.45 -22.42 6.81
C ASP B 82 9.75 -22.55 6.01
N LYS B 83 9.95 -21.67 5.03
CA LYS B 83 11.17 -21.63 4.23
C LYS B 83 11.64 -20.18 4.13
N ASP B 84 12.91 -20.02 3.72
CA ASP B 84 13.44 -18.70 3.43
C ASP B 84 12.58 -18.01 2.38
N SER B 85 12.25 -16.74 2.63
CA SER B 85 11.17 -16.05 1.94
C SER B 85 11.63 -14.66 1.50
N VAL B 86 10.74 -13.94 0.81
CA VAL B 86 11.02 -12.56 0.38
C VAL B 86 9.85 -11.66 0.77
N ILE B 87 10.18 -10.48 1.28
CA ILE B 87 9.17 -9.47 1.54
C ILE B 87 8.92 -8.69 0.25
N LEU B 88 7.69 -8.75 -0.24
CA LEU B 88 7.30 -8.18 -1.53
C LEU B 88 6.82 -6.76 -1.30
N LEU B 89 7.74 -5.79 -1.42
CA LEU B 89 7.32 -4.42 -1.21
C LEU B 89 6.56 -3.85 -2.39
N GLU B 90 6.30 -4.63 -3.44
CA GLU B 90 5.43 -4.18 -4.52
C GLU B 90 4.04 -4.75 -4.39
N GLN B 91 3.81 -5.52 -3.32
CA GLN B 91 2.56 -6.12 -2.91
C GLN B 91 2.28 -5.53 -1.54
N ILE B 92 1.62 -4.38 -1.54
CA ILE B 92 1.19 -3.66 -0.35
C ILE B 92 -0.33 -3.74 -0.31
N ARG B 93 -0.90 -3.83 0.88
CA ARG B 93 -2.31 -3.52 0.98
C ARG B 93 -2.72 -3.15 2.39
N THR B 94 -3.83 -2.44 2.47
CA THR B 94 -4.46 -2.06 3.71
C THR B 94 -5.41 -3.18 4.12
N LEU B 95 -5.21 -3.70 5.32
CA LEU B 95 -6.04 -4.77 5.85
C LEU B 95 -6.78 -4.30 7.08
N ASP B 96 -8.04 -4.70 7.22
CA ASP B 96 -8.68 -4.55 8.53
C ASP B 96 -7.91 -5.34 9.56
N LYS B 97 -7.82 -4.79 10.77
CA LYS B 97 -7.06 -5.45 11.82
C LYS B 97 -7.57 -6.87 12.07
N LYS B 98 -8.87 -7.09 11.85
CA LYS B 98 -9.47 -8.40 12.05
C LYS B 98 -8.86 -9.49 11.16
N ARG B 99 -8.23 -9.11 10.05
CA ARG B 99 -7.62 -10.10 9.16
C ARG B 99 -6.39 -10.75 9.76
N LEU B 100 -5.77 -10.10 10.74
CA LEU B 100 -4.52 -10.59 11.32
C LEU B 100 -4.81 -11.77 12.25
N LYS B 101 -4.05 -12.85 12.10
CA LYS B 101 -4.18 -14.03 12.96
C LYS B 101 -2.98 -14.08 13.90
N GLU B 102 -2.26 -15.19 14.01
CA GLU B 102 -1.13 -15.26 14.94
C GLU B 102 -0.08 -14.22 14.62
N LYS B 103 0.53 -13.65 15.65
CA LYS B 103 1.72 -12.83 15.48
C LYS B 103 2.91 -13.79 15.41
N LEU B 104 3.54 -13.90 14.23
CA LEU B 104 4.62 -14.85 14.08
C LEU B 104 5.91 -14.33 14.70
N THR B 105 6.20 -13.05 14.49
CA THR B 105 7.47 -12.49 14.94
C THR B 105 7.48 -10.97 14.75
N TYR B 106 8.65 -10.37 14.76
CA TYR B 106 8.78 -8.99 14.32
C TYR B 106 10.17 -8.85 13.70
N LEU B 107 10.27 -8.04 12.67
CA LEU B 107 11.52 -7.95 11.93
C LEU B 107 12.56 -7.23 12.75
N SER B 108 13.81 -7.63 12.55
CA SER B 108 14.94 -6.93 13.15
C SER B 108 15.00 -5.49 12.67
N ASP B 109 15.66 -4.64 13.46
CA ASP B 109 15.83 -3.25 13.06
C ASP B 109 16.51 -3.15 11.71
N ASP B 110 17.50 -4.02 11.45
CA ASP B 110 18.21 -3.98 10.17
C ASP B 110 17.32 -4.50 9.05
N LYS B 111 16.60 -5.59 9.29
CA LYS B 111 15.63 -6.05 8.31
C LYS B 111 14.62 -4.95 8.00
N MET B 112 14.24 -4.14 9.00
CA MET B 112 13.31 -3.04 8.72
C MET B 112 13.99 -1.92 7.95
N LYS B 113 15.29 -1.72 8.14
CA LYS B 113 15.97 -0.71 7.34
C LYS B 113 15.93 -1.10 5.87
N GLU B 114 16.06 -2.40 5.59
CA GLU B 114 15.89 -2.90 4.24
CA GLU B 114 15.90 -2.88 4.23
C GLU B 114 14.50 -2.54 3.72
N VAL B 115 13.47 -2.93 4.47
CA VAL B 115 12.09 -2.67 4.08
C VAL B 115 11.88 -1.19 3.80
N ASP B 116 12.34 -0.31 4.69
CA ASP B 116 12.20 1.13 4.43
C ASP B 116 12.72 1.47 3.05
N ASN B 117 13.94 0.99 2.73
CA ASN B 117 14.59 1.36 1.48
CA ASN B 117 14.58 1.38 1.48
C ASN B 117 13.89 0.76 0.28
N ALA B 118 13.42 -0.48 0.40
CA ALA B 118 12.67 -1.04 -0.71
C ALA B 118 11.34 -0.30 -0.90
N LEU B 119 10.77 0.20 0.20
CA LEU B 119 9.52 0.96 0.11
C LEU B 119 9.73 2.28 -0.60
N MET B 120 10.82 2.97 -0.26
CA MET B 120 11.12 4.22 -0.94
C MET B 120 11.20 3.99 -2.43
N ILE B 121 11.99 3.01 -2.86
CA ILE B 121 12.04 2.64 -4.27
C ILE B 121 10.66 2.34 -4.80
N SER B 122 9.93 1.49 -4.07
CA SER B 122 8.65 1.03 -4.55
C SER B 122 7.70 2.19 -4.87
N LEU B 123 7.54 3.12 -3.95
CA LEU B 123 6.54 4.14 -4.20
C LEU B 123 7.16 5.40 -4.85
N GLY B 124 8.28 5.25 -5.53
CA GLY B 124 8.92 6.41 -6.14
C GLY B 124 9.07 7.54 -5.13
N LEU B 125 9.53 7.23 -3.93
CA LEU B 125 9.77 8.26 -2.92
C LEU B 125 11.25 8.60 -2.74
N ASN B 126 12.14 7.92 -3.48
CA ASN B 126 13.61 8.12 -3.47
C ASN B 126 14.18 8.39 -2.08
N ALA C 1 -23.80 22.40 8.41
CA ALA C 1 -24.65 21.83 7.39
C ALA C 1 -26.07 21.56 7.87
N GLN C 2 -26.44 20.29 7.99
CA GLN C 2 -27.79 19.90 8.36
C GLN C 2 -27.96 19.55 9.85
N VAL C 3 -27.06 20.02 10.72
CA VAL C 3 -26.89 19.42 12.05
C VAL C 3 -26.71 20.50 13.11
N GLN C 4 -27.50 20.40 14.18
CA GLN C 4 -27.39 21.32 15.31
C GLN C 4 -26.81 20.60 16.52
N LEU C 5 -25.75 21.18 17.09
CA LEU C 5 -25.09 20.71 18.30
C LEU C 5 -25.18 21.81 19.35
N GLN C 6 -25.81 21.50 20.49
CA GLN C 6 -25.92 22.46 21.60
C GLN C 6 -25.54 21.74 22.89
N GLU C 7 -24.39 22.09 23.45
CA GLU C 7 -23.92 21.44 24.67
C GLU C 7 -24.37 22.20 25.89
N SER C 8 -24.56 21.46 26.98
CA SER C 8 -25.07 22.05 28.21
C SER C 8 -24.59 21.23 29.39
N GLY C 9 -24.61 21.85 30.58
CA GLY C 9 -24.22 21.20 31.81
C GLY C 9 -22.94 21.69 32.46
N GLY C 10 -22.40 22.83 32.02
CA GLY C 10 -21.19 23.37 32.60
C GLY C 10 -21.42 23.94 34.00
N GLY C 11 -20.39 24.60 34.50
CA GLY C 11 -20.49 25.34 35.75
C GLY C 11 -19.23 25.22 36.58
N LEU C 12 -19.36 25.61 37.85
CA LEU C 12 -18.24 25.62 38.78
C LEU C 12 -18.24 24.37 39.65
N VAL C 13 -17.04 23.87 39.96
CA VAL C 13 -16.89 22.61 40.68
C VAL C 13 -15.62 22.68 41.52
N GLN C 14 -15.68 22.09 42.72
CA GLN C 14 -14.53 22.01 43.60
C GLN C 14 -13.64 20.82 43.20
N PRO C 15 -12.33 20.95 43.33
CA PRO C 15 -11.43 19.85 42.95
C PRO C 15 -11.81 18.54 43.63
N GLY C 16 -11.99 17.51 42.80
CA GLY C 16 -12.54 16.25 43.23
C GLY C 16 -14.03 16.12 43.01
N GLY C 17 -14.72 17.23 42.71
CA GLY C 17 -16.14 17.19 42.48
C GLY C 17 -16.47 16.64 41.10
N SER C 18 -17.76 16.63 40.78
CA SER C 18 -18.23 16.04 39.54
C SER C 18 -19.12 17.00 38.76
N LEU C 19 -19.11 16.82 37.44
CA LEU C 19 -20.03 17.47 36.52
C LEU C 19 -20.44 16.49 35.44
N ARG C 20 -21.63 16.73 34.87
CA ARG C 20 -22.08 16.00 33.69
C ARG C 20 -22.40 17.02 32.60
N LEU C 21 -21.70 16.92 31.47
CA LEU C 21 -22.01 17.71 30.31
C LEU C 21 -23.06 17.00 29.47
N SER C 22 -23.88 17.79 28.78
CA SER C 22 -24.88 17.30 27.84
C SER C 22 -24.59 17.92 26.49
N CYS C 23 -24.94 17.19 25.43
CA CYS C 23 -24.83 17.71 24.06
C CYS C 23 -26.04 17.24 23.27
N ALA C 24 -26.92 18.18 22.93
CA ALA C 24 -28.13 17.85 22.19
C ALA C 24 -27.84 17.90 20.70
N ALA C 25 -27.98 16.76 20.02
CA ALA C 25 -27.70 16.65 18.60
C ALA C 25 -29.02 16.78 17.86
N SER C 26 -29.28 17.96 17.30
CA SER C 26 -30.55 18.26 16.67
C SER C 26 -30.46 17.96 15.17
N GLY C 27 -31.38 17.12 14.70
CA GLY C 27 -31.39 16.73 13.30
C GLY C 27 -30.43 15.58 13.05
N PHE C 28 -29.57 15.76 12.04
CA PHE C 28 -28.54 14.82 11.58
C PHE C 28 -28.47 13.46 12.25
N THR C 29 -28.63 12.41 11.43
CA THR C 29 -28.49 11.00 11.80
C THR C 29 -27.63 10.74 13.02
N PHE C 30 -28.23 10.27 14.12
CA PHE C 30 -27.46 9.98 15.32
C PHE C 30 -26.52 8.79 15.13
N ASP C 31 -26.84 7.88 14.21
CA ASP C 31 -26.20 6.56 14.16
C ASP C 31 -25.02 6.47 13.20
N ASP C 32 -25.03 7.16 12.08
CA ASP C 32 -23.94 7.02 11.13
C ASP C 32 -22.79 7.98 11.40
N TYR C 33 -22.85 8.74 12.49
CA TYR C 33 -21.84 9.74 12.81
C TYR C 33 -21.20 9.43 14.15
N ALA C 34 -19.96 9.89 14.30
CA ALA C 34 -19.24 9.83 15.56
C ALA C 34 -19.46 11.14 16.30
N ILE C 35 -19.56 11.05 17.62
CA ILE C 35 -19.80 12.22 18.43
C ILE C 35 -18.98 12.15 19.69
N GLY C 36 -18.43 13.28 20.09
CA GLY C 36 -17.60 13.34 21.27
C GLY C 36 -17.35 14.76 21.70
N TRP C 37 -16.25 14.95 22.42
CA TRP C 37 -15.99 16.20 23.11
C TRP C 37 -14.56 16.65 22.89
N PHE C 38 -14.41 17.97 22.81
CA PHE C 38 -13.11 18.65 22.85
C PHE C 38 -13.10 19.59 24.05
N ARG C 39 -11.90 20.00 24.45
CA ARG C 39 -11.74 21.02 25.49
C ARG C 39 -10.56 21.90 25.12
N GLN C 40 -10.66 23.18 25.51
CA GLN C 40 -9.64 24.18 25.20
C GLN C 40 -9.48 25.10 26.40
N ALA C 41 -8.26 25.18 26.92
CA ALA C 41 -7.87 26.15 27.93
C ALA C 41 -7.51 27.48 27.28
N PRO C 42 -7.25 28.52 28.06
CA PRO C 42 -6.80 29.79 27.45
C PRO C 42 -5.49 29.61 26.69
N GLY C 43 -5.50 30.09 25.44
CA GLY C 43 -4.30 30.08 24.62
C GLY C 43 -3.82 28.72 24.16
N LYS C 44 -4.59 27.67 24.41
CA LYS C 44 -4.20 26.31 24.04
C LYS C 44 -4.99 25.85 22.83
N GLU C 45 -4.43 24.87 22.11
CA GLU C 45 -5.12 24.29 20.97
C GLU C 45 -6.18 23.32 21.47
N ARG C 46 -7.29 23.23 20.72
CA ARG C 46 -8.38 22.33 21.07
C ARG C 46 -7.86 20.91 21.22
N GLU C 47 -8.00 20.35 22.41
CA GLU C 47 -7.61 18.98 22.67
C GLU C 47 -8.85 18.09 22.64
N GLY C 48 -8.73 16.94 22.00
CA GLY C 48 -9.82 15.97 22.04
C GLY C 48 -9.89 15.29 23.39
N VAL C 49 -11.12 15.11 23.89
CA VAL C 49 -11.36 14.56 25.22
C VAL C 49 -11.90 13.15 25.17
N SER C 50 -12.96 12.92 24.40
CA SER C 50 -13.55 11.60 24.32
C SER C 50 -14.41 11.53 23.07
N CYS C 51 -14.68 10.31 22.62
CA CYS C 51 -15.47 10.13 21.42
C CYS C 51 -16.19 8.78 21.51
N ILE C 52 -17.26 8.65 20.72
CA ILE C 52 -18.04 7.41 20.65
C ILE C 52 -18.70 7.31 19.29
N SER C 53 -18.71 6.11 18.70
CA SER C 53 -19.60 5.75 17.59
C SER C 53 -19.31 4.40 16.94
N SER C 54 -20.12 4.06 15.94
CA SER C 54 -20.11 2.77 15.25
C SER C 54 -20.33 1.62 16.23
N SER C 58 -18.01 1.32 20.91
CA SER C 58 -16.71 1.96 20.69
C SER C 58 -16.59 3.25 21.50
N THR C 59 -15.54 3.39 22.29
CA THR C 59 -15.27 4.63 22.98
C THR C 59 -13.80 5.00 22.83
N TYR C 60 -13.53 6.28 22.96
CA TYR C 60 -12.17 6.80 23.02
C TYR C 60 -12.07 7.79 24.15
N TYR C 61 -10.97 7.72 24.90
CA TYR C 61 -10.63 8.70 25.91
C TYR C 61 -9.17 9.05 25.76
N ALA C 62 -8.86 10.34 25.87
CA ALA C 62 -7.50 10.80 26.03
C ALA C 62 -6.95 10.31 27.36
N ASP C 63 -5.62 10.29 27.47
CA ASP C 63 -4.98 9.63 28.60
C ASP C 63 -5.33 10.29 29.93
N SER C 64 -5.21 11.62 29.99
CA SER C 64 -5.35 12.37 31.24
C SER C 64 -6.74 12.32 31.84
N VAL C 65 -7.75 11.86 31.10
CA VAL C 65 -9.13 11.81 31.60
C VAL C 65 -9.63 10.39 31.79
N LYS C 66 -8.85 9.38 31.41
CA LYS C 66 -9.29 8.00 31.51
C LYS C 66 -9.59 7.64 32.96
N GLY C 67 -10.66 6.87 33.15
CA GLY C 67 -11.06 6.44 34.48
C GLY C 67 -11.92 7.43 35.25
N ARG C 68 -11.70 8.72 34.99
CA ARG C 68 -12.43 9.81 35.63
CA ARG C 68 -12.47 9.77 35.64
C ARG C 68 -13.55 10.38 34.76
N PHE C 69 -13.42 10.30 33.43
CA PHE C 69 -14.45 10.77 32.51
C PHE C 69 -15.11 9.58 31.84
N THR C 70 -16.42 9.64 31.64
CA THR C 70 -17.14 8.60 30.92
C THR C 70 -18.10 9.24 29.92
N ILE C 71 -17.99 8.83 28.66
CA ILE C 71 -18.92 9.27 27.63
C ILE C 71 -20.03 8.24 27.53
N SER C 72 -21.21 8.66 27.10
CA SER C 72 -22.37 7.76 27.00
C SER C 72 -23.39 8.40 26.06
N SER C 73 -24.32 7.58 25.59
CA SER C 73 -25.32 8.00 24.63
C SER C 73 -26.72 7.74 25.15
N ASP C 74 -27.61 8.70 24.94
CA ASP C 74 -29.06 8.52 25.06
C ASP C 74 -29.61 8.79 23.67
N ASN C 75 -29.86 7.71 22.92
CA ASN C 75 -30.30 7.86 21.53
C ASN C 75 -31.66 8.53 21.45
N ALA C 76 -32.55 8.23 22.40
CA ALA C 76 -33.89 8.81 22.41
C ALA C 76 -33.84 10.33 22.49
N LYS C 77 -33.00 10.85 23.38
CA LYS C 77 -32.93 12.29 23.59
C LYS C 77 -31.94 12.98 22.65
N ASN C 78 -31.36 12.24 21.70
CA ASN C 78 -30.35 12.75 20.77
C ASN C 78 -29.26 13.53 21.51
N THR C 79 -28.80 12.98 22.61
CA THR C 79 -27.80 13.61 23.45
C THR C 79 -26.62 12.67 23.68
N VAL C 80 -25.50 13.28 24.04
CA VAL C 80 -24.29 12.57 24.44
C VAL C 80 -23.82 13.15 25.75
N TYR C 81 -23.52 12.27 26.71
CA TYR C 81 -23.15 12.65 28.06
C TYR C 81 -21.66 12.42 28.31
N LEU C 82 -21.04 13.40 28.96
CA LEU C 82 -19.67 13.26 29.46
C LEU C 82 -19.71 13.46 30.96
N GLN C 83 -19.55 12.39 31.72
CA GLN C 83 -19.49 12.46 33.18
C GLN C 83 -18.07 12.79 33.61
N MET C 84 -17.91 13.90 34.34
CA MET C 84 -16.60 14.41 34.72
C MET C 84 -16.43 14.30 36.23
N ASN C 85 -15.74 13.25 36.67
CA ASN C 85 -15.48 13.00 38.08
C ASN C 85 -14.02 13.29 38.41
N SER C 86 -13.77 13.46 39.70
CA SER C 86 -12.41 13.62 40.23
C SER C 86 -11.68 14.77 39.52
N LEU C 87 -12.38 15.87 39.33
CA LEU C 87 -11.88 16.99 38.55
C LEU C 87 -10.59 17.54 39.15
N LYS C 88 -9.86 18.29 38.33
CA LYS C 88 -8.60 18.88 38.74
C LYS C 88 -8.53 20.30 38.20
N SER C 89 -7.59 21.07 38.75
CA SER C 89 -7.38 22.45 38.29
C SER C 89 -7.06 22.48 36.80
N GLU C 90 -6.29 21.51 36.32
CA GLU C 90 -5.92 21.47 34.90
C GLU C 90 -7.14 21.27 34.00
N ASP C 91 -8.21 20.66 34.50
CA ASP C 91 -9.42 20.42 33.70
C ASP C 91 -10.28 21.67 33.53
N THR C 92 -9.79 22.83 33.94
CA THR C 92 -10.50 24.07 33.70
C THR C 92 -10.34 24.46 32.24
N ALA C 93 -11.45 24.48 31.51
CA ALA C 93 -11.42 24.78 30.08
C ALA C 93 -12.83 24.91 29.55
N VAL C 94 -12.93 25.49 28.35
CA VAL C 94 -14.16 25.45 27.57
C VAL C 94 -14.28 24.07 26.95
N TYR C 95 -15.47 23.48 27.04
CA TYR C 95 -15.71 22.14 26.48
C TYR C 95 -16.67 22.25 25.31
N TYR C 96 -16.26 21.74 24.15
CA TYR C 96 -17.06 21.75 22.93
C TYR C 96 -17.43 20.33 22.53
N CYS C 97 -18.70 20.10 22.20
CA CYS C 97 -18.97 18.82 21.55
C CYS C 97 -18.83 18.98 20.05
N ALA C 98 -18.65 17.85 19.36
CA ALA C 98 -18.34 17.81 17.94
C ALA C 98 -18.79 16.48 17.36
N ALA C 99 -19.18 16.49 16.08
CA ALA C 99 -19.60 15.29 15.40
C ALA C 99 -18.82 15.16 14.10
N ASP C 100 -18.66 13.93 13.63
CA ASP C 100 -17.78 13.70 12.50
C ASP C 100 -18.30 12.53 11.70
N VAL C 101 -18.35 12.71 10.38
CA VAL C 101 -18.73 11.66 9.46
C VAL C 101 -17.72 10.51 9.51
N TRP C 102 -16.43 10.83 9.62
CA TRP C 102 -15.40 9.84 9.33
C TRP C 102 -15.23 8.84 10.46
N GLY C 103 -15.11 9.32 11.69
CA GLY C 103 -14.97 8.44 12.82
C GLY C 103 -14.28 9.17 13.94
N CYS C 104 -13.90 8.41 14.97
CA CYS C 104 -13.37 9.02 16.19
C CYS C 104 -11.91 9.45 16.07
N ILE C 105 -11.20 9.07 15.00
CA ILE C 105 -9.79 9.43 14.94
C ILE C 105 -9.57 10.93 14.92
N SER C 106 -10.58 11.71 14.52
CA SER C 106 -10.44 13.17 14.53
C SER C 106 -10.30 13.71 15.95
N TYR C 107 -10.72 12.95 16.95
CA TYR C 107 -10.70 13.34 18.36
C TYR C 107 -9.39 12.99 19.04
N THR C 108 -8.47 12.33 18.35
CA THR C 108 -7.24 11.89 18.96
C THR C 108 -6.13 12.90 18.65
N ASP C 109 -4.95 12.66 19.23
CA ASP C 109 -3.78 13.50 18.96
C ASP C 109 -3.33 13.39 17.52
N TYR C 110 -3.77 12.36 16.82
CA TYR C 110 -3.40 12.13 15.44
C TYR C 110 -4.27 12.94 14.51
N GLY C 111 -5.51 13.18 14.89
CA GLY C 111 -6.38 13.93 14.02
C GLY C 111 -5.87 15.34 13.84
N LEU C 112 -6.41 16.02 12.84
CA LEU C 112 -5.96 17.36 12.54
C LEU C 112 -6.90 18.41 13.09
N GLY C 113 -8.05 17.99 13.63
CA GLY C 113 -9.02 18.91 14.18
C GLY C 113 -10.13 19.35 13.24
N ASN C 114 -10.03 19.05 11.94
CA ASN C 114 -11.10 19.36 11.01
C ASN C 114 -12.30 18.45 11.20
N LEU C 115 -13.25 18.86 12.04
CA LEU C 115 -14.46 18.13 12.32
C LEU C 115 -15.61 18.69 11.49
N ASP C 116 -16.61 17.84 11.26
CA ASP C 116 -17.80 18.26 10.52
C ASP C 116 -18.59 19.30 11.29
N TYR C 117 -19.23 18.90 12.39
CA TYR C 117 -20.10 19.79 13.15
C TYR C 117 -19.54 20.02 14.55
N TRP C 118 -19.93 21.17 15.11
CA TRP C 118 -19.45 21.64 16.39
C TRP C 118 -20.60 22.26 17.19
N GLY C 119 -20.42 22.32 18.51
CA GLY C 119 -21.22 23.17 19.36
C GLY C 119 -20.50 24.47 19.68
N GLN C 120 -21.17 25.30 20.48
CA GLN C 120 -20.62 26.61 20.80
C GLN C 120 -19.70 26.58 22.01
N GLY C 121 -19.74 25.52 22.81
CA GLY C 121 -18.85 25.44 23.96
C GLY C 121 -19.52 25.75 25.28
N THR C 122 -19.12 25.03 26.33
CA THR C 122 -19.57 25.31 27.70
C THR C 122 -18.35 25.36 28.62
N GLN C 123 -18.38 26.29 29.57
CA GLN C 123 -17.25 26.49 30.45
C GLN C 123 -17.30 25.53 31.62
N VAL C 124 -16.15 24.99 31.97
CA VAL C 124 -15.99 24.12 33.12
C VAL C 124 -14.79 24.66 33.88
N THR C 125 -15.00 24.99 35.16
CA THR C 125 -13.95 25.52 35.99
C THR C 125 -13.85 24.71 37.27
N VAL C 126 -12.62 24.43 37.68
CA VAL C 126 -12.40 23.61 38.85
C VAL C 126 -11.61 24.37 39.90
N SER C 127 -12.31 24.93 40.88
N GLN D 4 17.33 -29.37 -15.97
CA GLN D 4 18.46 -29.10 -16.84
C GLN D 4 18.07 -28.19 -18.01
N LEU D 5 18.90 -27.18 -18.26
CA LEU D 5 18.75 -26.27 -19.39
C LEU D 5 19.93 -26.50 -20.32
N GLN D 6 19.65 -26.90 -21.57
CA GLN D 6 20.70 -27.12 -22.55
C GLN D 6 20.30 -26.41 -23.84
N GLU D 7 21.02 -25.35 -24.17
CA GLU D 7 20.68 -24.56 -25.35
C GLU D 7 21.41 -25.09 -26.58
N SER D 8 20.79 -24.85 -27.75
CA SER D 8 21.31 -25.33 -29.02
C SER D 8 20.91 -24.35 -30.11
N GLY D 9 21.68 -24.38 -31.20
CA GLY D 9 21.38 -23.58 -32.37
C GLY D 9 22.28 -22.38 -32.62
N GLY D 10 23.40 -22.25 -31.92
CA GLY D 10 24.28 -21.12 -32.13
C GLY D 10 25.01 -21.24 -33.45
N GLY D 11 25.93 -20.30 -33.67
CA GLY D 11 26.83 -20.39 -34.80
C GLY D 11 27.09 -19.03 -35.41
N LEU D 12 27.70 -19.07 -36.61
CA LEU D 12 28.11 -17.89 -37.35
C LEU D 12 27.05 -17.56 -38.40
N VAL D 13 26.84 -16.26 -38.62
CA VAL D 13 25.78 -15.77 -39.47
C VAL D 13 26.20 -14.44 -40.06
N GLN D 14 25.78 -14.19 -41.28
CA GLN D 14 26.04 -12.92 -41.92
C GLN D 14 25.02 -11.89 -41.47
N PRO D 15 25.42 -10.62 -41.33
CA PRO D 15 24.48 -9.56 -40.94
C PRO D 15 23.25 -9.51 -41.83
N GLY D 16 22.07 -9.48 -41.22
CA GLY D 16 20.82 -9.60 -41.92
C GLY D 16 20.25 -11.01 -41.95
N GLY D 17 21.05 -12.01 -41.57
CA GLY D 17 20.59 -13.38 -41.55
C GLY D 17 19.73 -13.71 -40.33
N SER D 18 19.38 -15.00 -40.22
CA SER D 18 18.52 -15.50 -39.17
C SER D 18 19.19 -16.66 -38.44
N LEU D 19 18.86 -16.81 -37.15
CA LEU D 19 19.25 -17.94 -36.34
C LEU D 19 18.09 -18.33 -35.44
N ARG D 20 18.00 -19.61 -35.10
CA ARG D 20 16.99 -20.05 -34.15
C ARG D 20 17.69 -20.77 -33.00
N LEU D 21 17.58 -20.20 -31.80
CA LEU D 21 18.09 -20.83 -30.60
C LEU D 21 17.02 -21.71 -29.98
N SER D 22 17.47 -22.78 -29.30
CA SER D 22 16.60 -23.68 -28.57
C SER D 22 17.07 -23.78 -27.12
N CYS D 23 16.14 -24.05 -26.21
CA CYS D 23 16.50 -24.33 -24.82
C CYS D 23 15.58 -25.45 -24.34
N ALA D 24 16.15 -26.65 -24.21
CA ALA D 24 15.40 -27.83 -23.79
C ALA D 24 15.39 -27.93 -22.28
N ALA D 25 14.19 -27.89 -21.69
CA ALA D 25 14.02 -27.84 -20.24
C ALA D 25 13.84 -29.24 -19.69
N SER D 26 14.88 -29.76 -19.03
CA SER D 26 14.87 -31.13 -18.55
C SER D 26 14.38 -31.11 -17.10
N GLY D 27 13.33 -31.87 -16.84
CA GLY D 27 12.79 -31.93 -15.49
C GLY D 27 11.87 -30.76 -15.24
N PHE D 28 12.13 -30.05 -14.14
CA PHE D 28 11.41 -28.89 -13.64
C PHE D 28 10.19 -28.44 -14.45
N THR D 29 9.00 -28.56 -13.83
CA THR D 29 7.70 -28.12 -14.30
C THR D 29 7.74 -27.07 -15.41
N PHE D 30 7.22 -27.40 -16.61
CA PHE D 30 7.27 -26.48 -17.74
C PHE D 30 6.39 -25.24 -17.53
N ASP D 31 5.34 -25.34 -16.73
CA ASP D 31 4.32 -24.31 -16.63
C ASP D 31 4.55 -23.33 -15.49
N ASP D 32 5.15 -23.77 -14.40
CA ASP D 32 5.35 -22.93 -13.22
C ASP D 32 6.62 -22.10 -13.29
N TYR D 33 7.35 -22.15 -14.41
CA TYR D 33 8.56 -21.36 -14.56
C TYR D 33 8.45 -20.45 -15.78
N ALA D 34 9.15 -19.32 -15.70
CA ALA D 34 9.37 -18.45 -16.84
C ALA D 34 10.74 -18.76 -17.42
N ILE D 35 10.84 -18.74 -18.73
CA ILE D 35 12.09 -19.08 -19.40
C ILE D 35 12.34 -18.16 -20.58
N GLY D 36 13.61 -17.78 -20.74
CA GLY D 36 14.02 -16.84 -21.75
C GLY D 36 15.52 -16.92 -21.91
N TRP D 37 16.11 -15.81 -22.34
CA TRP D 37 17.51 -15.80 -22.77
C TRP D 37 18.21 -14.58 -22.23
N PHE D 38 19.49 -14.74 -21.90
CA PHE D 38 20.42 -13.65 -21.63
C PHE D 38 21.57 -13.72 -22.64
N ARG D 39 22.27 -12.60 -22.81
CA ARG D 39 23.44 -12.61 -23.67
C ARG D 39 24.52 -11.73 -23.05
N GLN D 40 25.76 -12.09 -23.31
CA GLN D 40 26.91 -11.43 -22.72
C GLN D 40 27.95 -11.20 -23.81
N ALA D 41 28.36 -9.95 -23.97
CA ALA D 41 29.49 -9.61 -24.81
C ALA D 41 30.76 -9.81 -23.99
N PRO D 42 31.94 -9.74 -24.62
CA PRO D 42 33.17 -9.81 -23.82
C PRO D 42 33.25 -8.64 -22.84
N GLY D 43 33.50 -8.97 -21.57
CA GLY D 43 33.66 -7.96 -20.55
C GLY D 43 32.41 -7.19 -20.20
N LYS D 44 31.26 -7.57 -20.73
CA LYS D 44 30.01 -6.90 -20.45
C LYS D 44 29.14 -7.78 -19.55
N GLU D 45 28.21 -7.14 -18.86
CA GLU D 45 27.32 -7.85 -17.94
C GLU D 45 26.24 -8.59 -18.72
N ARG D 46 25.81 -9.73 -18.19
CA ARG D 46 24.76 -10.51 -18.82
C ARG D 46 23.53 -9.65 -18.99
N GLU D 47 23.16 -9.43 -20.24
CA GLU D 47 22.02 -8.60 -20.61
C GLU D 47 20.81 -9.49 -20.88
N GLY D 48 19.66 -9.05 -20.37
CA GLY D 48 18.43 -9.76 -20.70
C GLY D 48 18.04 -9.45 -22.14
N VAL D 49 17.63 -10.50 -22.86
CA VAL D 49 17.31 -10.37 -24.28
C VAL D 49 15.82 -10.54 -24.53
N SER D 50 15.25 -11.66 -24.07
CA SER D 50 13.84 -11.97 -24.27
C SER D 50 13.43 -13.02 -23.26
N CYS D 51 12.12 -13.08 -23.00
CA CYS D 51 11.56 -13.98 -22.00
C CYS D 51 10.12 -14.32 -22.34
N ILE D 52 9.63 -15.42 -21.76
CA ILE D 52 8.24 -15.85 -21.95
C ILE D 52 7.75 -16.56 -20.70
N SER D 53 6.50 -16.28 -20.31
CA SER D 53 5.81 -16.99 -19.23
C SER D 53 4.74 -17.96 -19.72
N SER D 54 4.62 -19.10 -19.05
N SER D 58 2.37 -13.97 -22.43
CA SER D 58 3.16 -12.88 -21.90
C SER D 58 4.59 -13.02 -22.41
N THR D 59 5.11 -11.96 -23.04
CA THR D 59 6.48 -11.94 -23.55
C THR D 59 7.16 -10.63 -23.19
N TYR D 60 8.50 -10.66 -23.20
CA TYR D 60 9.35 -9.49 -23.05
C TYR D 60 10.48 -9.56 -24.06
N TYR D 61 10.84 -8.40 -24.61
CA TYR D 61 12.02 -8.25 -25.45
C TYR D 61 12.75 -7.00 -25.01
N ALA D 62 14.08 -7.07 -24.94
CA ALA D 62 14.85 -5.84 -24.82
C ALA D 62 14.62 -4.99 -26.05
N ASP D 63 14.86 -3.69 -25.90
CA ASP D 63 14.51 -2.76 -26.99
C ASP D 63 15.31 -3.08 -28.25
N SER D 64 16.63 -3.28 -28.09
CA SER D 64 17.52 -3.43 -29.23
C SER D 64 17.23 -4.65 -30.07
N VAL D 65 16.40 -5.57 -29.55
CA VAL D 65 16.01 -6.77 -30.29
C VAL D 65 14.51 -6.81 -30.57
N LYS D 66 13.73 -5.89 -30.02
CA LYS D 66 12.29 -5.89 -30.25
C LYS D 66 12.00 -5.69 -31.74
N GLY D 67 11.02 -6.43 -32.24
CA GLY D 67 10.65 -6.38 -33.64
C GLY D 67 11.43 -7.30 -34.56
N ARG D 68 12.62 -7.74 -34.16
CA ARG D 68 13.41 -8.69 -34.95
CA ARG D 68 13.39 -8.69 -34.95
C ARG D 68 13.43 -10.08 -34.35
N PHE D 69 13.52 -10.19 -33.03
CA PHE D 69 13.54 -11.47 -32.35
C PHE D 69 12.13 -11.90 -31.97
N THR D 70 11.89 -13.21 -32.06
CA THR D 70 10.62 -13.80 -31.63
C THR D 70 10.92 -15.00 -30.77
N ILE D 71 10.43 -14.99 -29.53
CA ILE D 71 10.56 -16.11 -28.61
C ILE D 71 9.27 -16.93 -28.66
N SER D 72 9.37 -18.23 -28.36
CA SER D 72 8.19 -19.08 -28.42
C SER D 72 8.43 -20.35 -27.60
N SER D 73 7.33 -21.02 -27.26
CA SER D 73 7.34 -22.21 -26.41
C SER D 73 6.66 -23.38 -27.11
N ASP D 74 7.27 -24.55 -27.01
CA ASP D 74 6.69 -25.82 -27.43
C ASP D 74 6.53 -26.65 -26.15
N ASN D 75 5.31 -26.68 -25.62
CA ASN D 75 5.06 -27.37 -24.36
C ASN D 75 5.31 -28.86 -24.48
N ALA D 76 4.96 -29.43 -25.65
CA ALA D 76 5.18 -30.86 -25.88
C ALA D 76 6.65 -31.23 -25.73
N LYS D 77 7.54 -30.45 -26.35
CA LYS D 77 8.97 -30.76 -26.35
C LYS D 77 9.72 -30.15 -25.18
N ASN D 78 9.04 -29.42 -24.27
CA ASN D 78 9.68 -28.74 -23.15
C ASN D 78 10.90 -27.94 -23.60
N THR D 79 10.73 -27.22 -24.70
CA THR D 79 11.80 -26.43 -25.30
C THR D 79 11.32 -25.01 -25.46
N VAL D 80 12.27 -24.09 -25.58
CA VAL D 80 11.99 -22.68 -25.84
C VAL D 80 12.81 -22.25 -27.03
N TYR D 81 12.16 -21.60 -27.98
CA TYR D 81 12.80 -21.16 -29.20
C TYR D 81 12.90 -19.64 -29.22
N LEU D 82 14.07 -19.13 -29.62
CA LEU D 82 14.28 -17.72 -29.88
C LEU D 82 14.65 -17.58 -31.34
N GLN D 83 13.72 -17.05 -32.14
CA GLN D 83 13.97 -16.76 -33.54
C GLN D 83 14.61 -15.39 -33.63
N MET D 84 15.79 -15.33 -34.24
CA MET D 84 16.58 -14.10 -34.34
C MET D 84 16.71 -13.72 -35.79
N ASN D 85 15.89 -12.77 -36.26
CA ASN D 85 15.95 -12.32 -37.63
C ASN D 85 16.66 -10.98 -37.73
N SER D 86 17.05 -10.63 -38.95
CA SER D 86 17.66 -9.33 -39.24
C SER D 86 18.87 -9.12 -38.35
N LEU D 87 19.67 -10.17 -38.18
CA LEU D 87 20.76 -10.13 -37.22
C LEU D 87 21.72 -8.99 -37.54
N LYS D 88 22.47 -8.57 -36.52
CA LYS D 88 23.39 -7.45 -36.64
C LYS D 88 24.69 -7.82 -35.93
N SER D 89 25.75 -7.07 -36.23
CA SER D 89 27.04 -7.34 -35.61
C SER D 89 26.97 -7.21 -34.08
N GLU D 90 26.24 -6.21 -33.59
CA GLU D 90 26.14 -6.00 -32.15
C GLU D 90 25.48 -7.18 -31.42
N ASP D 91 24.69 -7.99 -32.13
CA ASP D 91 24.07 -9.19 -31.56
C ASP D 91 25.06 -10.30 -31.34
N THR D 92 26.34 -10.04 -31.56
CA THR D 92 27.40 -11.02 -31.29
C THR D 92 27.64 -11.13 -29.79
N ALA D 93 27.39 -12.32 -29.24
CA ALA D 93 27.55 -12.54 -27.81
C ALA D 93 27.35 -14.02 -27.53
N VAL D 94 27.80 -14.44 -26.35
CA VAL D 94 27.39 -15.73 -25.81
C VAL D 94 25.98 -15.59 -25.29
N TYR D 95 25.12 -16.52 -25.65
CA TYR D 95 23.70 -16.48 -25.27
C TYR D 95 23.42 -17.62 -24.30
N TYR D 96 22.91 -17.27 -23.12
CA TYR D 96 22.55 -18.22 -22.08
C TYR D 96 21.05 -18.19 -21.90
N CYS D 97 20.39 -19.37 -21.89
CA CYS D 97 19.01 -19.34 -21.47
C CYS D 97 18.94 -19.48 -19.97
N ALA D 98 17.80 -19.09 -19.41
CA ALA D 98 17.65 -19.02 -17.98
C ALA D 98 16.19 -19.24 -17.65
N ALA D 99 15.94 -19.80 -16.48
CA ALA D 99 14.59 -20.06 -16.03
C ALA D 99 14.42 -19.43 -14.66
N ASP D 100 13.19 -19.07 -14.35
CA ASP D 100 12.92 -18.28 -13.15
C ASP D 100 11.56 -18.70 -12.62
N VAL D 101 11.49 -18.94 -11.31
CA VAL D 101 10.21 -19.26 -10.68
C VAL D 101 9.26 -18.08 -10.76
N TRP D 102 9.78 -16.87 -10.57
CA TRP D 102 8.93 -15.72 -10.31
C TRP D 102 8.28 -15.17 -11.57
N GLY D 103 9.07 -14.89 -12.60
CA GLY D 103 8.51 -14.40 -13.84
C GLY D 103 9.55 -13.63 -14.63
N CYS D 104 9.07 -12.94 -15.68
CA CYS D 104 9.98 -12.36 -16.65
C CYS D 104 10.63 -11.06 -16.19
N ILE D 105 10.15 -10.45 -15.11
CA ILE D 105 10.73 -9.16 -14.72
C ILE D 105 12.20 -9.29 -14.37
N SER D 106 12.68 -10.48 -14.00
CA SER D 106 14.11 -10.63 -13.71
C SER D 106 14.97 -10.43 -14.96
N TYR D 107 14.38 -10.49 -16.15
CA TYR D 107 15.12 -10.33 -17.39
C TYR D 107 15.21 -8.88 -17.86
N THR D 108 14.57 -7.92 -17.17
CA THR D 108 14.50 -6.54 -17.62
C THR D 108 15.56 -5.69 -16.94
N ASP D 109 15.62 -4.42 -17.34
CA ASP D 109 16.56 -3.48 -16.72
C ASP D 109 16.24 -3.24 -15.25
N TYR D 110 15.03 -3.57 -14.81
CA TYR D 110 14.61 -3.39 -13.43
C TYR D 110 14.99 -4.57 -12.57
N GLY D 111 14.96 -5.78 -13.10
CA GLY D 111 15.33 -6.94 -12.33
C GLY D 111 16.77 -6.88 -11.88
N LEU D 112 17.12 -7.77 -10.97
CA LEU D 112 18.45 -7.74 -10.37
C LEU D 112 19.39 -8.79 -10.95
N GLY D 113 18.93 -9.68 -11.79
CA GLY D 113 19.80 -10.70 -12.33
C GLY D 113 19.81 -12.00 -11.56
N ASN D 114 19.17 -12.05 -10.40
CA ASN D 114 19.06 -13.29 -9.68
C ASN D 114 18.07 -14.25 -10.34
N LEU D 115 18.56 -15.10 -11.24
CA LEU D 115 17.74 -16.11 -11.92
C LEU D 115 17.89 -17.47 -11.23
N ASP D 116 16.87 -18.30 -11.39
CA ASP D 116 16.89 -19.62 -10.79
C ASP D 116 17.91 -20.52 -11.45
N TYR D 117 17.60 -20.97 -12.68
CA TYR D 117 18.39 -21.95 -13.42
C TYR D 117 18.94 -21.34 -14.71
N TRP D 118 20.01 -21.95 -15.21
CA TRP D 118 20.75 -21.45 -16.36
C TRP D 118 21.18 -22.59 -17.26
N GLY D 119 21.52 -22.24 -18.50
CA GLY D 119 22.33 -23.06 -19.37
C GLY D 119 23.79 -22.61 -19.37
N GLN D 120 24.61 -23.31 -20.15
CA GLN D 120 26.05 -23.06 -20.17
C GLN D 120 26.48 -21.98 -21.16
N GLY D 121 25.60 -21.59 -22.09
CA GLY D 121 25.90 -20.52 -23.04
C GLY D 121 26.23 -21.03 -24.42
N THR D 122 25.73 -20.34 -25.44
CA THR D 122 26.05 -20.69 -26.81
C THR D 122 26.51 -19.45 -27.57
N GLN D 123 27.50 -19.64 -28.43
CA GLN D 123 28.16 -18.53 -29.10
C GLN D 123 27.39 -18.11 -30.33
N VAL D 124 27.27 -16.80 -30.49
CA VAL D 124 26.63 -16.19 -31.65
C VAL D 124 27.53 -15.06 -32.11
N THR D 125 27.96 -15.13 -33.36
CA THR D 125 28.74 -14.05 -33.94
C THR D 125 28.11 -13.70 -35.27
N VAL D 126 28.02 -12.41 -35.54
CA VAL D 126 27.47 -11.93 -36.80
C VAL D 126 28.43 -10.87 -37.31
N SER D 127 29.00 -11.13 -38.49
CA SER D 127 29.88 -10.19 -39.17
C SER D 127 30.14 -10.68 -40.60
N1 EPE E . -13.02 4.42 9.02
C2 EPE E . -13.98 5.33 8.37
C3 EPE E . -13.84 5.32 6.86
N4 EPE E . -13.94 4.01 6.28
C5 EPE E . -13.60 2.90 7.16
C6 EPE E . -12.55 3.30 8.17
C7 EPE E . -14.89 3.83 5.21
C8 EPE E . -14.51 2.77 4.20
O8 EPE E . -14.93 1.51 4.67
C9 EPE E . -11.89 5.17 9.59
C10 EPE E . -12.40 6.13 10.65
S EPE E . -11.68 5.86 12.29
O1S EPE E . -10.28 5.52 12.14
O2S EPE E . -12.38 4.78 12.98
O3S EPE E . -11.81 7.10 13.06
S1 MPO F . -11.67 5.95 12.34
O1 MPO F . -10.04 5.62 12.22
O2 MPO F . -11.91 7.28 13.29
O4 MPO F . -13.67 4.20 5.09
N1 MPO F . -13.26 4.44 7.84
C1 MPO F . -12.29 6.29 10.67
O3 MPO F . -12.43 4.63 12.99
C2 MPO F . -12.39 4.98 9.90
C3 MPO F . -12.44 5.23 8.40
C4 MPO F . -12.49 3.59 7.05
C5 MPO F . -13.15 3.12 5.75
C6 MPO F . -14.69 4.75 5.83
C7 MPO F . -14.23 5.20 7.22
N1 EPE G . 4.17 -12.13 -10.26
C2 EPE G . 4.46 -13.58 -10.17
C3 EPE G . 4.28 -14.12 -8.75
N4 EPE G . 3.07 -13.64 -8.11
C5 EPE G . 2.83 -12.20 -8.18
C6 EPE G . 3.90 -11.47 -8.97
C7 EPE G . 1.94 -14.54 -8.04
C8 EPE G . 1.35 -14.60 -6.64
O8 EPE G . 0.13 -13.87 -6.60
C9 EPE G . 5.30 -11.47 -10.95
C10 EPE G . 5.13 -11.69 -12.44
S EPE G . 6.34 -10.80 -13.43
O1S EPE G . 7.70 -11.07 -12.95
O2S EPE G . 6.08 -9.37 -13.34
O3S EPE G . 6.23 -11.24 -14.82
S1 MPO H . 6.65 -10.34 -13.15
O1 MPO H . 7.01 -8.94 -12.35
O2 MPO H . 7.95 -10.81 -14.07
O4 MPO H . 2.62 -13.97 -7.69
N1 MPO H . 3.78 -12.43 -9.73
C1 MPO H . 6.29 -11.65 -11.95
O3 MPO H . 5.34 -10.09 -14.13
C2 MPO H . 5.29 -11.15 -10.91
C3 MPO H . 5.01 -12.24 -9.88
C4 MPO H . 3.40 -11.84 -8.53
C5 MPO H . 2.43 -12.61 -7.63
C6 MPO H . 2.47 -14.40 -8.99
C7 MPO H . 3.55 -13.80 -9.88
#